data_4K98
#
_entry.id   4K98
#
_cell.length_a   85.375
_cell.length_b   97.877
_cell.length_c   133.465
_cell.angle_alpha   90.00
_cell.angle_beta   90.00
_cell.angle_gamma   90.00
#
_symmetry.space_group_name_H-M   'I 2 2 2'
#
loop_
_entity.id
_entity.type
_entity.pdbx_description
1 polymer 'Cyclic GMP-AMP synthase'
2 polymer DNA-F
3 polymer DNA-R
4 non-polymer 'ZINC ION'
5 non-polymer 'MAGNESIUM ION'
6 non-polymer "GUANOSINE-5'-TRIPHOSPHATE"
7 non-polymer "GUANOSINE-5'-MONOPHOSPHATE"
8 water water
#
loop_
_entity_poly.entity_id
_entity_poly.type
_entity_poly.pdbx_seq_one_letter_code
_entity_poly.pdbx_strand_id
1 'polypeptide(L)'
;SPDKLKKVLDKLRLKRKDISEAAETVNKVVERLLRRMQKRESEFKGVEQLNTGSYYEHVKISAPNEFDVMFKLEVPRIEL
QEYYETGAFYLVKFKRIPRGNPLSHFLEGEVLSATKMLSKFRKIIKEEVKEIKDIDVSVEKEKPGSPAVTLLIRNPEEIS
VDIILALESKGSWPISTKEGLPIQGWLGTKVRTNLRREPFYLVPKNAKDGNSFQGETWRLSFSHTEKYILNNHGIEKTCC
ESSGAKCCRKECLKLMKYLLEQLKKEFQELDAFCSYHVKTAIFHMWTQDPQDSQWDPRNLSSCFDKLLAFFLECLRTEKL
DHYFIPKFNLFSQELIDRKSKEFLSKKIEYERNNGFPIFDKL
;
A
2 'polydeoxyribonucleotide' (DA)(DA)(DA)(DT)(DT)(DG)(DC)(DC)(DG)(DA)(DA)(DG)(DA)(DC)(DG)(DA)(DA) D
3 'polydeoxyribonucleotide' (DT)(DT)(DT)(DC)(DG)(DT)(DC)(DT)(DT)(DC)(DG)(DG)(DC)(DA)(DA)(DT)(DT) E
#
loop_
_chem_comp.id
_chem_comp.type
_chem_comp.name
_chem_comp.formula
5GP non-polymer GUANOSINE-5'-MONOPHOSPHATE 'C10 H14 N5 O8 P'
DA DNA linking 2'-DEOXYADENOSINE-5'-MONOPHOSPHATE 'C10 H14 N5 O6 P'
DC DNA linking 2'-DEOXYCYTIDINE-5'-MONOPHOSPHATE 'C9 H14 N3 O7 P'
DG DNA linking 2'-DEOXYGUANOSINE-5'-MONOPHOSPHATE 'C10 H14 N5 O7 P'
DT DNA linking THYMIDINE-5'-MONOPHOSPHATE 'C10 H15 N2 O8 P'
GTP non-polymer GUANOSINE-5'-TRIPHOSPHATE 'C10 H16 N5 O14 P3'
MG non-polymer 'MAGNESIUM ION' 'Mg 2'
ZN non-polymer 'ZINC ION' 'Zn 2'
#
# COMPACT_ATOMS: atom_id res chain seq x y z
N LYS A 4 -26.20 -3.84 11.93
CA LYS A 4 -25.38 -5.02 11.60
C LYS A 4 -23.98 -4.72 11.03
N LEU A 5 -23.89 -3.96 9.95
CA LEU A 5 -22.56 -3.51 9.56
C LEU A 5 -21.96 -2.67 10.69
N LYS A 6 -22.82 -1.99 11.44
CA LYS A 6 -22.35 -1.20 12.56
C LYS A 6 -21.73 -2.13 13.64
N LYS A 7 -22.38 -3.25 13.92
CA LYS A 7 -21.78 -4.24 14.81
C LYS A 7 -20.45 -4.79 14.26
N VAL A 8 -20.39 -5.10 12.96
CA VAL A 8 -19.12 -5.52 12.41
C VAL A 8 -18.01 -4.47 12.59
N LEU A 9 -18.27 -3.19 12.24
CA LEU A 9 -17.32 -2.12 12.46
C LEU A 9 -16.82 -2.03 13.92
N ASP A 10 -17.72 -2.21 14.89
CA ASP A 10 -17.32 -2.20 16.30
C ASP A 10 -16.32 -3.30 16.60
N LYS A 11 -16.56 -4.48 16.06
CA LYS A 11 -15.60 -5.56 16.22
C LYS A 11 -14.28 -5.32 15.46
N LEU A 12 -14.33 -4.69 14.28
CA LEU A 12 -13.10 -4.38 13.54
C LEU A 12 -12.27 -3.25 14.18
N ARG A 13 -12.94 -2.40 14.96
CA ARG A 13 -12.27 -1.22 15.51
C ARG A 13 -11.09 -1.66 16.39
N LEU A 14 -9.98 -0.95 16.24
CA LEU A 14 -8.80 -1.24 17.04
C LEU A 14 -8.98 -0.76 18.51
N LYS A 15 -8.40 -1.49 19.45
CA LYS A 15 -8.46 -1.14 20.88
C LYS A 15 -7.25 -0.31 21.29
N ARG A 16 -7.48 0.74 22.07
CA ARG A 16 -6.40 1.67 22.41
C ARG A 16 -5.30 0.97 23.22
N LYS A 17 -5.72 0.10 24.13
CA LYS A 17 -4.75 -0.71 24.85
C LYS A 17 -3.87 -1.51 23.87
N ASP A 18 -4.45 -2.11 22.84
CA ASP A 18 -3.61 -2.88 21.90
C ASP A 18 -2.74 -1.94 21.10
N ILE A 19 -3.31 -0.80 20.72
CA ILE A 19 -2.54 0.18 19.97
C ILE A 19 -1.34 0.66 20.78
N SER A 20 -1.58 1.04 22.05
CA SER A 20 -0.48 1.47 22.91
C SER A 20 0.62 0.40 23.01
N GLU A 21 0.27 -0.85 23.30
CA GLU A 21 1.29 -1.88 23.52
C GLU A 21 2.11 -2.14 22.23
N ALA A 22 1.40 -2.18 21.09
CA ALA A 22 2.04 -2.48 19.82
C ALA A 22 2.92 -1.31 19.34
N ALA A 23 2.37 -0.10 19.35
CA ALA A 23 3.14 1.07 18.93
C ALA A 23 4.41 1.23 19.79
N GLU A 24 4.32 1.02 21.10
CA GLU A 24 5.50 1.19 21.92
C GLU A 24 6.68 0.32 21.42
N THR A 25 6.39 -0.95 21.14
CA THR A 25 7.42 -1.90 20.71
C THR A 25 7.84 -1.63 19.24
N VAL A 26 6.88 -1.45 18.35
CA VAL A 26 7.21 -1.14 16.95
C VAL A 26 8.11 0.11 16.88
N ASN A 27 7.75 1.18 17.58
CA ASN A 27 8.54 2.42 17.48
C ASN A 27 9.98 2.20 17.98
N LYS A 28 10.16 1.39 19.04
CA LYS A 28 11.50 1.23 19.58
C LYS A 28 12.36 0.49 18.57
N VAL A 29 11.81 -0.55 17.95
CA VAL A 29 12.60 -1.39 17.00
C VAL A 29 12.91 -0.57 15.73
N VAL A 30 11.88 0.04 15.15
CA VAL A 30 12.11 0.90 13.99
C VAL A 30 13.11 2.04 14.26
N GLU A 31 12.97 2.79 15.35
CA GLU A 31 13.96 3.83 15.68
C GLU A 31 15.38 3.27 15.70
N ARG A 32 15.52 2.12 16.33
CA ARG A 32 16.84 1.52 16.44
C ARG A 32 17.44 1.17 15.09
N LEU A 33 16.65 0.54 14.22
CA LEU A 33 17.10 0.18 12.88
C LEU A 33 17.40 1.43 12.02
N LEU A 34 16.55 2.44 12.10
CA LEU A 34 16.79 3.64 11.34
C LEU A 34 18.10 4.34 11.80
N ARG A 35 18.30 4.42 13.12
CA ARG A 35 19.56 5.02 13.63
C ARG A 35 20.78 4.25 13.09
N ARG A 36 20.65 2.91 13.02
CA ARG A 36 21.62 1.98 12.41
C ARG A 36 22.03 2.37 11.02
N MET A 37 21.06 2.38 10.11
CA MET A 37 21.26 2.85 8.76
C MET A 37 22.03 4.17 8.80
N GLN A 38 21.59 5.08 9.66
CA GLN A 38 22.03 6.46 9.55
C GLN A 38 23.49 6.65 9.95
N LYS A 39 24.17 5.54 10.30
CA LYS A 39 25.56 5.53 10.79
C LYS A 39 26.33 4.22 10.46
N ARG A 40 27.51 4.32 9.89
CA ARG A 40 28.13 5.56 9.46
C ARG A 40 28.32 5.37 7.98
N GLU A 41 29.50 4.89 7.62
CA GLU A 41 29.81 4.41 6.27
C GLU A 41 28.71 3.36 6.03
N SER A 42 27.79 3.72 5.14
CA SER A 42 26.71 2.88 4.69
C SER A 42 26.30 3.54 3.38
N GLU A 43 25.85 2.77 2.41
CA GLU A 43 25.35 3.36 1.19
C GLU A 43 23.96 3.95 1.44
N PHE A 44 23.42 3.69 2.64
CA PHE A 44 22.06 4.10 3.01
C PHE A 44 22.04 5.28 4.00
N LYS A 45 23.18 5.95 4.17
CA LYS A 45 23.32 6.91 5.29
C LYS A 45 22.23 8.00 5.44
N GLY A 46 21.75 8.56 4.32
CA GLY A 46 20.73 9.59 4.42
C GLY A 46 19.28 9.12 4.42
N VAL A 47 19.00 7.85 4.73
CA VAL A 47 17.60 7.44 4.74
C VAL A 47 16.76 8.21 5.77
N GLU A 48 15.51 8.46 5.39
CA GLU A 48 14.56 9.13 6.28
C GLU A 48 13.35 8.25 6.35
N GLN A 49 12.60 8.39 7.45
CA GLN A 49 11.48 7.47 7.71
C GLN A 49 10.16 8.05 7.24
N LEU A 50 9.30 7.24 6.63
CA LEU A 50 7.94 7.66 6.31
C LEU A 50 7.07 6.49 6.68
N ASN A 51 6.12 6.73 7.58
CA ASN A 51 5.19 5.63 7.98
C ASN A 51 4.04 5.60 6.97
N THR A 52 3.63 4.40 6.53
CA THR A 52 2.63 4.32 5.47
C THR A 52 1.64 3.17 5.72
N GLY A 53 0.67 2.97 4.80
CA GLY A 53 -0.19 1.78 4.87
C GLY A 53 -1.31 1.93 5.93
N SER A 54 -2.06 0.84 6.14
CA SER A 54 -3.38 1.03 6.76
C SER A 54 -3.32 1.44 8.23
N TYR A 55 -2.30 1.07 8.96
CA TYR A 55 -2.26 1.49 10.37
C TYR A 55 -2.15 3.03 10.45
N TYR A 56 -1.25 3.59 9.68
CA TYR A 56 -1.01 5.04 9.75
C TYR A 56 -2.08 5.81 9.00
N GLU A 57 -2.90 5.11 8.19
CA GLU A 57 -4.02 5.78 7.52
C GLU A 57 -5.33 5.58 8.31
N HIS A 58 -5.26 4.82 9.40
CA HIS A 58 -6.41 4.60 10.29
C HIS A 58 -7.44 3.70 9.66
N VAL A 59 -7.02 2.86 8.73
CA VAL A 59 -7.96 1.90 8.20
C VAL A 59 -7.49 0.46 8.43
N LYS A 60 -6.59 0.26 9.39
CA LYS A 60 -6.14 -1.11 9.72
C LYS A 60 -7.27 -1.75 10.51
N ILE A 61 -7.62 -3.01 10.24
CA ILE A 61 -8.77 -3.60 10.93
C ILE A 61 -8.35 -4.67 11.95
N SER A 62 -9.26 -5.02 12.84
CA SER A 62 -9.12 -6.20 13.75
C SER A 62 -8.05 -6.11 14.85
N ALA A 63 -6.81 -5.82 14.49
CA ALA A 63 -5.75 -5.77 15.51
C ALA A 63 -4.61 -4.99 14.86
N PRO A 64 -3.83 -4.23 15.67
CA PRO A 64 -2.66 -3.45 15.26
C PRO A 64 -1.45 -4.39 15.20
N ASN A 65 -1.48 -5.29 14.23
CA ASN A 65 -0.51 -6.39 14.16
C ASN A 65 0.30 -6.39 12.85
N GLU A 66 0.18 -5.34 12.03
CA GLU A 66 0.99 -5.16 10.82
C GLU A 66 1.26 -3.69 10.53
N PHE A 67 2.51 -3.31 10.49
CA PHE A 67 2.89 -1.90 10.34
C PHE A 67 3.78 -1.81 9.11
N ASP A 68 3.61 -0.75 8.31
CA ASP A 68 4.47 -0.57 7.11
C ASP A 68 5.27 0.71 7.29
N VAL A 69 6.58 0.63 7.02
CA VAL A 69 7.39 1.84 7.16
C VAL A 69 8.37 1.93 6.01
N MET A 70 8.49 3.11 5.38
CA MET A 70 9.48 3.31 4.31
C MET A 70 10.73 3.97 4.84
N PHE A 71 11.87 3.40 4.46
CA PHE A 71 13.14 4.08 4.66
C PHE A 71 13.47 4.63 3.27
N LYS A 72 13.27 5.93 3.10
CA LYS A 72 13.33 6.57 1.78
C LYS A 72 14.68 7.25 1.62
N LEU A 73 15.28 7.13 0.43
CA LEU A 73 16.59 7.71 0.16
C LEU A 73 16.49 8.68 -0.98
N GLU A 74 16.89 9.92 -0.77
CA GLU A 74 16.82 10.85 -1.88
C GLU A 74 17.99 10.62 -2.83
N VAL A 75 17.66 10.43 -4.10
CA VAL A 75 18.66 10.13 -5.14
C VAL A 75 18.53 11.13 -6.29
N PRO A 76 19.40 12.14 -6.31
CA PRO A 76 19.33 13.24 -7.28
C PRO A 76 19.65 12.70 -8.66
N ARG A 77 19.14 13.35 -9.70
CA ARG A 77 19.59 13.09 -11.06
C ARG A 77 19.43 11.63 -11.45
N ILE A 78 18.28 11.05 -11.14
CA ILE A 78 18.04 9.73 -11.69
C ILE A 78 17.24 9.83 -12.99
N GLU A 79 17.49 8.87 -13.86
CA GLU A 79 16.81 8.81 -15.15
C GLU A 79 16.03 7.50 -15.20
N LEU A 80 14.75 7.60 -15.54
CA LEU A 80 13.85 6.46 -15.48
C LEU A 80 13.65 5.94 -16.89
N GLN A 81 13.77 4.63 -17.07
CA GLN A 81 13.41 4.02 -18.36
C GLN A 81 12.26 3.06 -18.10
N GLU A 82 11.12 3.33 -18.74
CA GLU A 82 9.96 2.52 -18.46
C GLU A 82 10.21 1.09 -18.91
N TYR A 83 9.84 0.12 -18.07
CA TYR A 83 10.06 -1.29 -18.37
C TYR A 83 8.91 -1.78 -19.25
N TYR A 84 9.24 -2.06 -20.49
CA TYR A 84 8.30 -2.34 -21.55
C TYR A 84 7.22 -1.27 -21.57
N GLU A 85 5.94 -1.60 -21.45
CA GLU A 85 5.02 -0.45 -21.47
C GLU A 85 4.12 -0.56 -20.30
N THR A 86 4.70 -1.09 -19.23
CA THR A 86 3.95 -1.44 -18.05
C THR A 86 3.40 -0.23 -17.27
N GLY A 87 4.02 0.95 -17.43
CA GLY A 87 3.60 2.17 -16.76
C GLY A 87 4.08 2.24 -15.28
N ALA A 88 4.13 1.06 -14.64
CA ALA A 88 4.44 1.01 -13.21
C ALA A 88 5.89 0.64 -12.92
N PHE A 89 6.54 -0.06 -13.84
CA PHE A 89 7.86 -0.62 -13.61
C PHE A 89 8.96 0.09 -14.40
N TYR A 90 10.12 0.30 -13.75
CA TYR A 90 11.20 1.10 -14.37
C TYR A 90 12.59 0.48 -14.18
N LEU A 91 13.46 0.71 -15.16
CA LEU A 91 14.90 0.61 -14.95
C LEU A 91 15.39 2.03 -14.55
N VAL A 92 16.22 2.09 -13.51
CA VAL A 92 16.82 3.34 -13.03
C VAL A 92 18.27 3.45 -13.50
N LYS A 93 18.62 4.55 -14.16
CA LYS A 93 20.01 4.79 -14.59
C LYS A 93 20.37 6.18 -14.09
N PHE A 94 21.59 6.62 -14.38
CA PHE A 94 22.09 7.89 -13.86
C PHE A 94 22.52 8.94 -14.89
N LYS A 95 22.25 10.20 -14.56
CA LYS A 95 22.82 11.32 -15.29
C LYS A 95 24.33 11.26 -15.15
N GLY A 100 31.94 9.04 -7.70
CA GLY A 100 32.44 8.01 -6.80
C GLY A 100 31.38 7.79 -5.74
N ASN A 101 30.12 7.72 -6.20
CA ASN A 101 28.91 7.59 -5.36
C ASN A 101 28.87 6.30 -4.52
N PRO A 102 28.03 6.28 -3.46
CA PRO A 102 27.92 5.07 -2.63
C PRO A 102 27.18 3.95 -3.37
N LEU A 103 26.27 4.36 -4.26
CA LEU A 103 25.36 3.43 -4.93
C LEU A 103 25.98 2.66 -6.12
N SER A 104 27.19 3.04 -6.54
CA SER A 104 27.88 2.36 -7.65
C SER A 104 28.07 0.85 -7.43
N HIS A 105 28.11 0.44 -6.16
CA HIS A 105 28.18 -0.97 -5.78
C HIS A 105 26.99 -1.76 -6.34
N PHE A 106 25.86 -1.07 -6.49
CA PHE A 106 24.62 -1.71 -6.91
C PHE A 106 24.39 -1.59 -8.41
N LEU A 107 25.39 -1.06 -9.11
CA LEU A 107 25.26 -0.93 -10.55
C LEU A 107 25.37 -2.26 -11.26
N GLU A 108 24.59 -2.38 -12.32
CA GLU A 108 24.62 -3.51 -13.23
C GLU A 108 24.69 -2.91 -14.63
N GLY A 109 25.91 -2.63 -15.13
CA GLY A 109 26.07 -1.81 -16.32
C GLY A 109 25.86 -0.37 -15.90
N GLU A 110 24.88 0.33 -16.48
CA GLU A 110 24.55 1.67 -15.99
C GLU A 110 23.22 1.67 -15.21
N VAL A 111 22.71 0.48 -14.96
CA VAL A 111 21.43 0.29 -14.31
C VAL A 111 21.59 0.06 -12.81
N LEU A 112 20.87 0.82 -12.00
CA LEU A 112 20.90 0.62 -10.56
C LEU A 112 20.02 -0.57 -10.24
N SER A 113 20.62 -1.71 -9.93
CA SER A 113 19.86 -2.93 -9.67
C SER A 113 19.02 -2.92 -8.39
N ALA A 114 17.70 -3.01 -8.50
CA ALA A 114 16.86 -3.13 -7.31
C ALA A 114 17.28 -4.27 -6.40
N THR A 115 17.61 -5.40 -7.01
CA THR A 115 17.98 -6.60 -6.27
C THR A 115 19.28 -6.43 -5.49
N LYS A 116 20.30 -5.90 -6.15
CA LYS A 116 21.58 -5.69 -5.47
C LYS A 116 21.41 -4.69 -4.30
N MET A 117 20.69 -3.60 -4.53
CA MET A 117 20.52 -2.62 -3.47
C MET A 117 19.64 -3.16 -2.32
N LEU A 118 18.55 -3.82 -2.66
CA LEU A 118 17.72 -4.45 -1.63
C LEU A 118 18.49 -5.51 -0.82
N SER A 119 19.33 -6.30 -1.49
CA SER A 119 20.06 -7.35 -0.79
C SER A 119 20.98 -6.79 0.29
N LYS A 120 21.66 -5.69 -0.02
CA LYS A 120 22.55 -5.07 0.96
C LYS A 120 21.74 -4.44 2.08
N PHE A 121 20.63 -3.79 1.71
CA PHE A 121 19.72 -3.20 2.69
C PHE A 121 19.24 -4.28 3.69
N ARG A 122 18.75 -5.38 3.14
CA ARG A 122 18.31 -6.53 3.95
C ARG A 122 19.43 -7.07 4.84
N LYS A 123 20.60 -7.27 4.25
CA LYS A 123 21.77 -7.71 4.97
C LYS A 123 22.04 -6.83 6.22
N ILE A 124 22.04 -5.52 6.03
CA ILE A 124 22.22 -4.57 7.15
C ILE A 124 21.11 -4.68 8.20
N ILE A 125 19.86 -4.76 7.76
CA ILE A 125 18.74 -4.87 8.71
C ILE A 125 18.91 -6.13 9.56
N LYS A 126 19.28 -7.24 8.91
CA LYS A 126 19.41 -8.51 9.63
C LYS A 126 20.49 -8.45 10.72
N GLU A 127 21.64 -7.86 10.36
CA GLU A 127 22.72 -7.71 11.33
C GLU A 127 22.27 -6.82 12.50
N GLU A 128 21.54 -5.75 12.19
CA GLU A 128 21.08 -4.87 13.24
C GLU A 128 20.04 -5.57 14.13
N VAL A 129 19.12 -6.36 13.53
CA VAL A 129 18.16 -7.14 14.31
C VAL A 129 18.81 -8.15 15.28
N LYS A 130 19.91 -8.75 14.82
CA LYS A 130 20.74 -9.65 15.61
C LYS A 130 21.28 -9.00 16.89
N GLU A 131 21.36 -7.67 16.89
CA GLU A 131 21.93 -6.93 18.03
C GLU A 131 20.88 -6.54 19.07
N ILE A 132 19.60 -6.71 18.73
CA ILE A 132 18.50 -6.39 19.63
C ILE A 132 18.32 -7.55 20.62
N LYS A 133 18.62 -7.32 21.91
CA LYS A 133 18.58 -8.44 22.86
C LYS A 133 17.35 -8.39 23.75
N ASP A 134 16.73 -7.22 23.83
CA ASP A 134 15.69 -6.96 24.82
C ASP A 134 14.27 -7.19 24.28
N ILE A 135 14.15 -7.43 22.98
CA ILE A 135 12.88 -7.58 22.30
C ILE A 135 13.07 -8.77 21.36
N ASP A 136 12.03 -9.61 21.27
CA ASP A 136 12.04 -10.83 20.46
C ASP A 136 11.66 -10.38 19.05
N VAL A 137 12.64 -10.26 18.16
CA VAL A 137 12.37 -9.76 16.79
C VAL A 137 13.23 -10.59 15.83
N SER A 138 12.66 -11.07 14.73
CA SER A 138 13.47 -11.83 13.77
C SER A 138 13.07 -11.34 12.40
N VAL A 139 13.92 -11.60 11.40
CA VAL A 139 13.66 -11.19 10.03
C VAL A 139 13.06 -12.40 9.32
N GLU A 140 11.91 -12.21 8.68
CA GLU A 140 11.27 -13.34 8.00
C GLU A 140 12.00 -13.66 6.69
N LYS A 141 11.90 -14.92 6.30
CA LYS A 141 12.46 -15.39 5.04
C LYS A 141 12.03 -14.49 3.91
N GLU A 142 12.95 -14.23 3.00
CA GLU A 142 12.68 -13.24 1.96
C GLU A 142 11.75 -13.81 0.90
N LYS A 143 10.85 -12.98 0.40
CA LYS A 143 9.96 -13.37 -0.69
C LYS A 143 10.45 -12.82 -2.03
N PRO A 144 10.68 -13.72 -2.99
CA PRO A 144 11.17 -13.28 -4.30
C PRO A 144 10.33 -12.17 -4.87
N GLY A 145 11.03 -11.10 -5.26
CA GLY A 145 10.41 -10.04 -6.04
C GLY A 145 9.74 -9.02 -5.14
N SER A 146 9.64 -9.30 -3.83
CA SER A 146 9.03 -8.32 -2.89
C SER A 146 10.02 -7.23 -2.53
N PRO A 147 9.52 -6.00 -2.30
CA PRO A 147 10.46 -4.99 -1.87
C PRO A 147 10.64 -4.95 -0.34
N ALA A 148 10.00 -5.85 0.41
CA ALA A 148 9.94 -5.71 1.87
C ALA A 148 11.01 -6.50 2.60
N VAL A 149 11.52 -5.94 3.71
CA VAL A 149 12.25 -6.75 4.67
C VAL A 149 11.29 -6.82 5.85
N THR A 150 10.78 -8.00 6.16
CA THR A 150 9.64 -8.09 7.08
C THR A 150 10.15 -8.58 8.42
N LEU A 151 9.85 -7.84 9.49
CA LEU A 151 10.25 -8.24 10.85
C LEU A 151 9.07 -8.94 11.47
N LEU A 152 9.37 -9.94 12.30
CA LEU A 152 8.36 -10.58 13.09
C LEU A 152 8.62 -10.27 14.57
N ILE A 153 7.75 -9.49 15.19
CA ILE A 153 7.98 -9.18 16.62
C ILE A 153 7.04 -9.97 17.50
N ARG A 154 7.55 -10.52 18.61
CA ARG A 154 6.68 -11.14 19.59
C ARG A 154 6.68 -10.33 20.89
N ASN A 155 5.53 -9.75 21.14
CA ASN A 155 5.39 -8.65 22.08
C ASN A 155 4.77 -8.88 23.47
N PRO A 156 4.29 -10.08 23.80
CA PRO A 156 4.41 -11.44 23.24
C PRO A 156 3.50 -11.66 22.04
N GLU A 157 2.52 -10.80 21.81
CA GLU A 157 1.71 -10.98 20.60
C GLU A 157 2.52 -10.71 19.32
N GLU A 158 2.13 -11.35 18.21
CA GLU A 158 2.87 -11.31 16.97
C GLU A 158 2.47 -10.07 16.25
N ILE A 159 3.48 -9.32 15.81
CA ILE A 159 3.26 -8.11 15.04
C ILE A 159 4.26 -8.20 13.91
N SER A 160 3.86 -7.89 12.66
CA SER A 160 4.84 -7.86 11.59
C SER A 160 5.10 -6.43 11.21
N VAL A 161 6.34 -6.11 10.84
CA VAL A 161 6.67 -4.74 10.42
C VAL A 161 7.36 -4.89 9.08
N ASP A 162 6.80 -4.25 8.05
CA ASP A 162 7.43 -4.32 6.73
C ASP A 162 8.30 -3.07 6.59
N ILE A 163 9.62 -3.24 6.47
CA ILE A 163 10.50 -2.09 6.26
C ILE A 163 10.81 -2.03 4.77
N ILE A 164 10.38 -0.97 4.13
CA ILE A 164 10.44 -0.88 2.64
C ILE A 164 11.46 0.19 2.22
N LEU A 165 12.59 -0.24 1.65
CA LEU A 165 13.51 0.72 1.06
C LEU A 165 12.82 1.47 -0.08
N ALA A 166 13.02 2.78 -0.18
CA ALA A 166 12.47 3.53 -1.34
C ALA A 166 13.45 4.55 -1.87
N LEU A 167 13.48 4.74 -3.19
CA LEU A 167 14.18 5.88 -3.77
C LEU A 167 13.17 7.03 -3.87
N GLU A 168 13.63 8.23 -3.53
CA GLU A 168 12.78 9.39 -3.55
C GLU A 168 13.29 10.33 -4.64
N SER A 169 12.42 10.69 -5.57
CA SER A 169 12.84 11.60 -6.61
C SER A 169 11.98 12.85 -6.63
N LYS A 170 12.65 14.00 -6.74
CA LYS A 170 11.98 15.30 -6.66
C LYS A 170 11.53 15.88 -8.01
N GLY A 171 11.81 15.19 -9.12
CA GLY A 171 11.39 15.68 -10.43
C GLY A 171 9.90 15.51 -10.69
N SER A 172 9.40 15.99 -11.83
CA SER A 172 8.01 15.70 -12.21
C SER A 172 7.77 14.18 -12.37
N TRP A 173 6.53 13.74 -12.12
CA TRP A 173 6.23 12.33 -12.09
C TRP A 173 6.32 11.72 -13.48
N PRO A 174 6.64 10.41 -13.59
CA PRO A 174 6.76 9.82 -14.93
C PRO A 174 5.45 9.98 -15.72
N ILE A 175 5.57 10.07 -17.02
CA ILE A 175 4.42 10.48 -17.84
C ILE A 175 3.30 9.44 -17.83
N SER A 176 3.59 8.19 -17.50
CA SER A 176 2.50 7.23 -17.36
C SER A 176 1.46 7.66 -16.30
N THR A 177 1.82 8.62 -15.44
CA THR A 177 0.94 9.11 -14.36
C THR A 177 0.16 10.39 -14.76
N LYS A 178 0.41 10.90 -15.95
CA LYS A 178 -0.06 12.23 -16.34
C LYS A 178 -1.59 12.38 -16.29
N GLU A 179 -2.30 11.34 -16.69
CA GLU A 179 -3.75 11.32 -16.62
C GLU A 179 -4.32 10.50 -15.46
N GLY A 180 -3.48 10.17 -14.48
CA GLY A 180 -3.93 9.48 -13.29
C GLY A 180 -4.40 10.48 -12.22
N LEU A 181 -4.67 9.97 -11.04
CA LEU A 181 -5.13 10.83 -9.90
C LEU A 181 -6.30 11.74 -10.33
N PRO A 182 -7.43 11.13 -10.77
CA PRO A 182 -8.49 11.94 -11.38
C PRO A 182 -9.38 12.57 -10.30
N ILE A 183 -8.81 13.46 -9.49
CA ILE A 183 -9.52 13.91 -8.29
C ILE A 183 -10.14 15.33 -8.56
N GLN A 184 -10.09 15.79 -9.82
CA GLN A 184 -10.42 17.22 -10.06
C GLN A 184 -11.84 17.65 -9.63
N GLY A 185 -12.83 16.74 -9.69
CA GLY A 185 -14.14 17.21 -9.26
C GLY A 185 -14.49 16.80 -7.82
N TRP A 186 -13.52 16.24 -7.13
CA TRP A 186 -13.69 15.72 -5.78
C TRP A 186 -12.79 16.56 -4.84
N LEU A 187 -11.47 16.39 -4.96
CA LEU A 187 -10.53 17.12 -4.13
C LEU A 187 -10.06 18.39 -4.81
N GLY A 188 -10.13 18.41 -6.15
CA GLY A 188 -9.95 19.64 -6.90
C GLY A 188 -8.60 19.78 -7.54
N THR A 189 -8.47 20.82 -8.38
CA THR A 189 -7.27 21.03 -9.15
C THR A 189 -6.09 21.57 -8.35
N LYS A 190 -6.31 22.45 -7.37
CA LYS A 190 -5.19 22.92 -6.60
C LYS A 190 -4.59 21.71 -5.83
N VAL A 191 -5.44 20.91 -5.21
CA VAL A 191 -4.94 19.70 -4.49
C VAL A 191 -4.18 18.80 -5.48
N ARG A 192 -4.76 18.50 -6.63
CA ARG A 192 -4.08 17.58 -7.55
C ARG A 192 -2.70 18.14 -7.92
N THR A 193 -2.67 19.40 -8.32
CA THR A 193 -1.42 20.02 -8.74
C THR A 193 -0.38 20.01 -7.60
N ASN A 194 -0.84 20.37 -6.40
CA ASN A 194 0.06 20.40 -5.24
C ASN A 194 0.60 18.99 -4.93
N LEU A 195 -0.25 17.97 -4.97
CA LEU A 195 0.23 16.58 -4.69
C LEU A 195 1.28 16.17 -5.76
N ARG A 196 1.08 16.61 -7.00
CA ARG A 196 2.00 16.19 -8.08
C ARG A 196 3.32 16.99 -8.11
N ARG A 197 3.38 18.06 -7.31
CA ARG A 197 4.67 18.76 -7.06
C ARG A 197 5.50 18.13 -5.93
N GLU A 198 4.92 17.19 -5.20
CA GLU A 198 5.67 16.47 -4.16
C GLU A 198 6.52 15.41 -4.89
N PRO A 199 7.52 14.85 -4.19
CA PRO A 199 8.40 13.79 -4.74
C PRO A 199 7.59 12.53 -5.12
N PHE A 200 8.12 11.70 -6.00
CA PHE A 200 7.48 10.38 -6.12
C PHE A 200 8.51 9.36 -5.69
N TYR A 201 8.07 8.09 -5.54
CA TYR A 201 8.94 7.07 -4.94
C TYR A 201 9.05 5.88 -5.85
N LEU A 202 10.17 5.19 -5.75
CA LEU A 202 10.34 3.89 -6.32
C LEU A 202 10.67 2.87 -5.25
N VAL A 203 10.04 1.69 -5.30
CA VAL A 203 10.40 0.64 -4.34
C VAL A 203 10.97 -0.57 -5.11
N PRO A 204 11.86 -1.36 -4.47
CA PRO A 204 12.48 -2.42 -5.25
C PRO A 204 11.58 -3.65 -5.37
N LYS A 205 10.39 -3.45 -5.90
CA LYS A 205 9.54 -4.58 -6.18
C LYS A 205 9.77 -4.92 -7.65
N ASN A 206 10.15 -6.15 -7.97
CA ASN A 206 10.48 -6.54 -9.35
C ASN A 206 9.24 -6.89 -10.20
N ALA A 207 9.28 -6.54 -11.50
CA ALA A 207 8.21 -6.90 -12.45
C ALA A 207 8.29 -8.41 -12.65
N LYS A 208 7.15 -9.08 -12.69
CA LYS A 208 7.14 -10.50 -13.02
C LYS A 208 7.13 -10.59 -14.52
N ASP A 209 8.19 -11.14 -15.09
CA ASP A 209 8.26 -11.21 -16.56
C ASP A 209 8.26 -12.65 -17.05
N GLY A 210 7.08 -13.14 -17.38
CA GLY A 210 6.96 -14.54 -17.74
C GLY A 210 7.20 -15.40 -16.49
N ASN A 211 8.13 -16.35 -16.61
CA ASN A 211 8.40 -17.31 -15.56
C ASN A 211 9.25 -16.82 -14.41
N SER A 212 9.75 -15.59 -14.51
CA SER A 212 10.69 -15.09 -13.50
C SER A 212 10.60 -13.57 -13.32
N PHE A 213 11.26 -13.06 -12.27
CA PHE A 213 11.31 -11.60 -12.04
C PHE A 213 12.48 -10.97 -12.78
N GLN A 214 12.26 -9.74 -13.26
CA GLN A 214 13.34 -8.94 -13.79
C GLN A 214 13.98 -8.26 -12.57
N GLY A 215 15.18 -8.74 -12.20
CA GLY A 215 15.72 -8.42 -10.88
C GLY A 215 16.11 -6.96 -10.70
N GLU A 216 16.35 -6.25 -11.80
CA GLU A 216 16.78 -4.85 -11.74
C GLU A 216 15.65 -3.83 -11.59
N THR A 217 14.42 -4.25 -11.91
CA THR A 217 13.29 -3.31 -11.96
C THR A 217 12.80 -2.82 -10.61
N TRP A 218 12.25 -1.60 -10.63
CA TRP A 218 11.62 -0.92 -9.52
C TRP A 218 10.17 -0.62 -9.89
N ARG A 219 9.34 -0.37 -8.87
CA ARG A 219 7.93 -0.03 -9.09
C ARG A 219 7.63 1.33 -8.51
N LEU A 220 6.80 2.11 -9.20
CA LEU A 220 6.41 3.42 -8.63
C LEU A 220 5.62 3.18 -7.33
N SER A 221 5.77 4.07 -6.35
CA SER A 221 4.94 4.01 -5.13
C SER A 221 4.34 5.37 -4.90
N PHE A 222 3.05 5.43 -4.53
CA PHE A 222 2.48 6.71 -4.18
C PHE A 222 1.93 6.65 -2.74
N SER A 223 2.60 5.86 -1.89
CA SER A 223 2.16 5.71 -0.51
C SER A 223 1.94 7.02 0.22
N HIS A 224 2.85 7.98 0.04
CA HIS A 224 2.67 9.28 0.67
C HIS A 224 1.39 9.98 0.17
N THR A 225 1.13 9.99 -1.14
CA THR A 225 -0.09 10.60 -1.68
C THR A 225 -1.34 9.90 -1.17
N GLU A 226 -1.27 8.58 -1.07
CA GLU A 226 -2.46 7.81 -0.69
C GLU A 226 -2.76 8.17 0.74
N LYS A 227 -1.72 8.34 1.53
CA LYS A 227 -1.91 8.62 2.96
C LYS A 227 -2.58 10.00 3.11
N TYR A 228 -2.12 10.94 2.31
CA TYR A 228 -2.67 12.33 2.36
C TYR A 228 -4.15 12.24 1.97
N ILE A 229 -4.45 11.56 0.85
CA ILE A 229 -5.85 11.39 0.44
C ILE A 229 -6.75 10.79 1.54
N LEU A 230 -6.31 9.73 2.21
CA LEU A 230 -7.17 9.14 3.25
C LEU A 230 -7.38 10.14 4.40
N ASN A 231 -6.39 10.97 4.67
CA ASN A 231 -6.53 11.99 5.75
C ASN A 231 -7.30 13.25 5.26
N ASN A 232 -7.56 13.35 3.97
CA ASN A 232 -8.11 14.62 3.43
C ASN A 232 -9.07 14.23 2.32
N HIS A 233 -10.13 13.51 2.66
CA HIS A 233 -10.89 12.73 1.64
C HIS A 233 -12.25 13.28 1.27
N GLY A 234 -12.66 14.45 1.81
CA GLY A 234 -14.02 14.93 1.57
C GLY A 234 -13.98 16.03 0.51
N ILE A 235 -15.10 16.29 -0.16
CA ILE A 235 -15.13 17.49 -1.01
C ILE A 235 -15.18 18.72 -0.13
N GLU A 236 -15.83 18.61 1.04
CA GLU A 236 -15.77 19.74 2.01
C GLU A 236 -14.54 19.61 2.91
N LYS A 237 -13.95 20.75 3.22
CA LYS A 237 -12.67 20.77 3.94
C LYS A 237 -12.87 20.28 5.40
N THR A 238 -14.10 20.33 5.89
CA THR A 238 -14.34 19.98 7.30
C THR A 238 -14.82 18.55 7.45
N CYS A 239 -14.86 17.79 6.35
CA CYS A 239 -15.28 16.36 6.44
C CYS A 239 -14.47 15.59 7.47
N CYS A 240 -15.18 14.91 8.38
CA CYS A 240 -14.61 14.18 9.54
C CYS A 240 -13.81 15.02 10.52
N GLU A 241 -13.90 16.36 10.44
CA GLU A 241 -13.25 17.23 11.42
C GLU A 241 -14.17 17.51 12.57
N SER A 242 -13.61 18.06 13.64
CA SER A 242 -14.45 18.34 14.85
C SER A 242 -15.54 19.37 14.63
N SER A 243 -15.40 20.24 13.62
CA SER A 243 -16.48 21.20 13.29
C SER A 243 -17.13 20.90 11.94
N GLY A 244 -17.05 19.63 11.54
CA GLY A 244 -17.69 19.23 10.28
C GLY A 244 -18.49 17.94 10.47
N ALA A 245 -18.94 17.31 9.37
CA ALA A 245 -19.80 16.11 9.47
C ALA A 245 -18.97 14.89 9.20
N LYS A 246 -19.18 13.87 9.99
CA LYS A 246 -18.54 12.57 9.78
C LYS A 246 -19.05 11.93 8.49
N CYS A 247 -18.20 11.29 7.67
CA CYS A 247 -18.73 10.50 6.55
C CYS A 247 -18.41 9.02 6.79
N CYS A 248 -18.89 8.13 5.91
CA CYS A 248 -18.61 6.71 6.10
C CYS A 248 -17.62 6.16 5.04
N ARG A 249 -16.83 7.02 4.41
CA ARG A 249 -15.87 6.51 3.40
C ARG A 249 -14.87 5.48 3.96
N LYS A 250 -14.27 5.78 5.11
CA LYS A 250 -13.28 4.85 5.67
C LYS A 250 -13.93 3.59 6.21
N GLU A 251 -15.14 3.73 6.78
CA GLU A 251 -15.88 2.56 7.24
C GLU A 251 -16.18 1.60 6.06
N CYS A 252 -16.50 2.15 4.87
CA CYS A 252 -16.73 1.25 3.72
C CYS A 252 -15.47 0.52 3.30
N LEU A 253 -14.35 1.21 3.39
CA LEU A 253 -13.07 0.61 3.04
C LEU A 253 -12.75 -0.48 4.03
N LYS A 254 -12.94 -0.23 5.32
CA LYS A 254 -12.69 -1.31 6.31
C LYS A 254 -13.54 -2.57 6.06
N LEU A 255 -14.83 -2.38 5.77
CA LEU A 255 -15.74 -3.50 5.54
C LEU A 255 -15.34 -4.30 4.32
N MET A 256 -14.95 -3.61 3.26
CA MET A 256 -14.50 -4.32 2.04
C MET A 256 -13.17 -5.07 2.27
N LYS A 257 -12.25 -4.48 3.04
CA LYS A 257 -10.98 -5.13 3.32
C LYS A 257 -11.22 -6.38 4.17
N TYR A 258 -12.17 -6.29 5.11
CA TYR A 258 -12.52 -7.42 5.97
C TYR A 258 -13.14 -8.57 5.18
N LEU A 259 -14.13 -8.23 4.35
CA LEU A 259 -14.73 -9.19 3.42
C LEU A 259 -13.62 -9.93 2.61
N LEU A 260 -12.68 -9.18 2.03
CA LEU A 260 -11.67 -9.85 1.21
C LEU A 260 -10.80 -10.75 2.09
N GLU A 261 -10.42 -10.23 3.25
CA GLU A 261 -9.51 -10.94 4.14
C GLU A 261 -10.14 -12.26 4.56
N GLN A 262 -11.43 -12.21 4.88
CA GLN A 262 -12.11 -13.40 5.44
C GLN A 262 -12.19 -14.44 4.32
N LEU A 263 -12.51 -13.98 3.12
CA LEU A 263 -12.57 -14.86 1.97
C LEU A 263 -11.20 -15.50 1.65
N LYS A 264 -10.13 -14.69 1.64
CA LYS A 264 -8.78 -15.20 1.34
C LYS A 264 -8.33 -16.21 2.41
N LYS A 265 -8.75 -16.02 3.66
CA LYS A 265 -8.44 -17.00 4.72
C LYS A 265 -8.98 -18.39 4.47
N GLU A 266 -10.16 -18.45 3.87
CA GLU A 266 -10.68 -19.78 3.59
C GLU A 266 -10.51 -20.28 2.16
N PHE A 267 -10.24 -19.43 1.18
CA PHE A 267 -10.05 -19.98 -0.15
C PHE A 267 -8.68 -19.61 -0.73
N GLN A 268 -7.83 -20.62 -0.84
CA GLN A 268 -6.50 -20.52 -1.41
C GLN A 268 -6.52 -20.01 -2.86
N GLU A 269 -7.59 -20.28 -3.60
CA GLU A 269 -7.71 -19.79 -4.97
C GLU A 269 -7.80 -18.26 -5.05
N LEU A 270 -7.91 -17.59 -3.91
CA LEU A 270 -7.93 -16.12 -3.93
C LEU A 270 -6.59 -15.49 -3.56
N ASP A 271 -5.52 -16.28 -3.70
CA ASP A 271 -4.18 -15.80 -3.38
C ASP A 271 -3.70 -14.60 -4.17
N ALA A 272 -4.13 -14.48 -5.44
CA ALA A 272 -3.73 -13.33 -6.28
C ALA A 272 -4.39 -12.00 -5.92
N PHE A 273 -5.44 -12.03 -5.12
CA PHE A 273 -6.12 -10.79 -4.68
C PHE A 273 -5.51 -10.21 -3.40
N CYS A 274 -5.58 -8.89 -3.25
CA CYS A 274 -4.86 -8.24 -2.15
C CYS A 274 -5.58 -6.99 -1.75
N SER A 275 -5.25 -6.41 -0.59
CA SER A 275 -6.05 -5.28 -0.16
C SER A 275 -5.80 -4.08 -1.05
N TYR A 276 -4.70 -4.04 -1.78
CA TYR A 276 -4.49 -2.86 -2.65
C TYR A 276 -5.51 -2.82 -3.79
N HIS A 277 -6.04 -3.97 -4.17
CA HIS A 277 -7.15 -3.95 -5.13
C HIS A 277 -8.39 -3.28 -4.56
N VAL A 278 -8.67 -3.55 -3.28
CA VAL A 278 -9.79 -2.92 -2.63
C VAL A 278 -9.55 -1.41 -2.49
N LYS A 279 -8.35 -1.03 -2.07
CA LYS A 279 -8.08 0.43 -1.93
C LYS A 279 -8.20 1.17 -3.29
N THR A 280 -7.63 0.56 -4.33
CA THR A 280 -7.78 1.10 -5.68
C THR A 280 -9.23 1.23 -6.11
N ALA A 281 -10.03 0.18 -5.90
CA ALA A 281 -11.44 0.26 -6.23
C ALA A 281 -12.13 1.42 -5.45
N ILE A 282 -11.83 1.58 -4.16
CA ILE A 282 -12.59 2.62 -3.47
C ILE A 282 -12.11 4.03 -3.86
N PHE A 283 -10.83 4.18 -4.26
CA PHE A 283 -10.40 5.50 -4.82
C PHE A 283 -11.24 5.83 -6.03
N HIS A 284 -11.45 4.87 -6.92
CA HIS A 284 -12.31 5.10 -8.07
C HIS A 284 -13.73 5.45 -7.62
N MET A 285 -14.20 4.78 -6.57
CA MET A 285 -15.59 5.08 -6.20
C MET A 285 -15.72 6.49 -5.59
N TRP A 286 -14.68 6.89 -4.85
CA TRP A 286 -14.68 8.26 -4.26
C TRP A 286 -14.64 9.35 -5.39
N THR A 287 -14.06 9.01 -6.53
CA THR A 287 -14.08 9.90 -7.71
C THR A 287 -15.45 9.92 -8.37
N GLN A 288 -16.07 8.74 -8.46
CA GLN A 288 -17.34 8.62 -9.13
C GLN A 288 -18.44 9.29 -8.30
N ASP A 289 -18.30 9.21 -6.96
CA ASP A 289 -19.32 9.74 -6.06
C ASP A 289 -18.62 10.74 -5.14
N PRO A 290 -18.35 11.95 -5.64
CA PRO A 290 -17.47 12.87 -4.88
C PRO A 290 -18.14 13.58 -3.68
N GLN A 291 -19.45 13.72 -3.70
CA GLN A 291 -20.11 14.57 -2.70
C GLN A 291 -20.11 13.89 -1.33
N ASP A 292 -19.88 14.65 -0.27
CA ASP A 292 -19.83 14.03 1.08
C ASP A 292 -21.22 13.47 1.43
N SER A 293 -22.27 14.08 0.85
CA SER A 293 -23.65 13.66 1.10
C SER A 293 -23.92 12.25 0.54
N GLN A 294 -23.05 11.79 -0.35
CA GLN A 294 -23.18 10.43 -0.90
C GLN A 294 -22.49 9.42 0.03
N TRP A 295 -21.83 9.92 1.07
CA TRP A 295 -21.19 9.03 2.07
C TRP A 295 -21.61 9.40 3.50
N ASP A 296 -22.87 9.80 3.66
CA ASP A 296 -23.43 10.06 4.98
C ASP A 296 -23.46 8.76 5.80
N PRO A 297 -23.10 8.82 7.09
CA PRO A 297 -23.13 7.57 7.90
C PRO A 297 -24.51 6.92 7.89
N ARG A 298 -25.60 7.70 7.80
CA ARG A 298 -26.95 7.11 7.74
C ARG A 298 -27.12 6.16 6.56
N ASN A 299 -26.24 6.26 5.58
CA ASN A 299 -26.38 5.46 4.37
C ASN A 299 -25.29 4.43 4.18
N LEU A 300 -24.65 4.03 5.28
CA LEU A 300 -23.52 3.11 5.22
C LEU A 300 -23.88 1.86 4.39
N SER A 301 -25.06 1.29 4.60
CA SER A 301 -25.46 0.02 3.96
C SER A 301 -25.41 0.11 2.45
N SER A 302 -25.96 1.20 1.94
CA SER A 302 -26.00 1.36 0.51
C SER A 302 -24.66 1.82 -0.06
N CYS A 303 -23.86 2.57 0.69
CA CYS A 303 -22.53 2.90 0.18
C CYS A 303 -21.70 1.61 0.05
N PHE A 304 -21.85 0.74 1.04
CA PHE A 304 -21.08 -0.51 1.02
C PHE A 304 -21.56 -1.35 -0.16
N ASP A 305 -22.88 -1.38 -0.34
CA ASP A 305 -23.45 -2.14 -1.46
C ASP A 305 -22.94 -1.63 -2.79
N LYS A 306 -22.82 -0.31 -2.94
CA LYS A 306 -22.39 0.26 -4.20
C LYS A 306 -20.93 -0.06 -4.47
N LEU A 307 -20.12 -0.03 -3.41
CA LEU A 307 -18.71 -0.38 -3.55
C LEU A 307 -18.62 -1.84 -4.02
N LEU A 308 -19.46 -2.69 -3.43
CA LEU A 308 -19.51 -4.09 -3.81
C LEU A 308 -19.90 -4.25 -5.29
N ALA A 309 -20.93 -3.52 -5.71
CA ALA A 309 -21.39 -3.64 -7.09
C ALA A 309 -20.27 -3.20 -8.03
N PHE A 310 -19.55 -2.15 -7.64
CA PHE A 310 -18.46 -1.66 -8.48
C PHE A 310 -17.31 -2.67 -8.53
N PHE A 311 -16.98 -3.26 -7.38
CA PHE A 311 -15.92 -4.25 -7.36
C PHE A 311 -16.25 -5.48 -8.22
N LEU A 312 -17.51 -5.92 -8.18
CA LEU A 312 -17.98 -7.03 -8.97
C LEU A 312 -17.91 -6.72 -10.46
N GLU A 313 -18.20 -5.46 -10.83
CA GLU A 313 -18.11 -5.04 -12.22
C GLU A 313 -16.65 -5.04 -12.70
N CYS A 314 -15.73 -4.61 -11.83
CA CYS A 314 -14.30 -4.68 -12.14
C CYS A 314 -13.86 -6.09 -12.46
N LEU A 315 -14.30 -7.01 -11.60
CA LEU A 315 -14.01 -8.41 -11.78
C LEU A 315 -14.52 -8.96 -13.11
N ARG A 316 -15.80 -8.68 -13.39
CA ARG A 316 -16.49 -9.23 -14.54
C ARG A 316 -15.83 -8.73 -15.83
N THR A 317 -15.50 -7.44 -15.85
CA THR A 317 -14.89 -6.82 -17.02
C THR A 317 -13.35 -6.99 -17.03
N GLU A 318 -12.81 -7.65 -16.01
CA GLU A 318 -11.37 -7.82 -15.87
C GLU A 318 -10.63 -6.50 -16.02
N LYS A 319 -11.07 -5.49 -15.29
CA LYS A 319 -10.47 -4.18 -15.45
C LYS A 319 -10.56 -3.46 -14.14
N LEU A 320 -9.40 -3.14 -13.58
CA LEU A 320 -9.30 -2.29 -12.39
C LEU A 320 -8.00 -1.55 -12.59
N ASP A 321 -8.09 -0.32 -13.09
CA ASP A 321 -6.88 0.40 -13.41
C ASP A 321 -6.27 0.99 -12.20
N HIS A 322 -4.93 0.94 -12.16
CA HIS A 322 -4.22 1.63 -11.04
C HIS A 322 -4.67 3.11 -10.95
N TYR A 323 -4.90 3.67 -9.75
CA TYR A 323 -5.48 5.03 -9.62
C TYR A 323 -4.51 6.14 -10.12
N PHE A 324 -3.21 5.87 -10.02
CA PHE A 324 -2.19 6.83 -10.42
C PHE A 324 -1.64 6.58 -11.83
N ILE A 325 -1.88 5.38 -12.36
CA ILE A 325 -1.28 4.96 -13.60
C ILE A 325 -2.33 4.22 -14.39
N PRO A 326 -3.13 4.97 -15.15
CA PRO A 326 -4.34 4.34 -15.71
C PRO A 326 -4.13 3.24 -16.70
N LYS A 327 -3.00 3.14 -17.40
CA LYS A 327 -2.88 2.02 -18.35
C LYS A 327 -2.49 0.72 -17.63
N PHE A 328 -2.22 0.78 -16.33
CA PHE A 328 -1.77 -0.40 -15.62
C PHE A 328 -3.03 -1.10 -15.05
N ASN A 329 -3.48 -2.18 -15.70
CA ASN A 329 -4.68 -2.89 -15.30
C ASN A 329 -4.32 -3.97 -14.25
N LEU A 330 -4.72 -3.75 -13.01
CA LEU A 330 -4.39 -4.68 -11.92
C LEU A 330 -5.09 -6.01 -12.10
N PHE A 331 -6.20 -5.98 -12.86
CA PHE A 331 -7.02 -7.19 -13.11
C PHE A 331 -6.85 -7.72 -14.53
N SER A 332 -5.73 -7.40 -15.15
CA SER A 332 -5.42 -8.01 -16.45
C SER A 332 -5.30 -9.55 -16.36
N GLN A 333 -5.55 -10.19 -17.48
CA GLN A 333 -5.35 -11.62 -17.57
C GLN A 333 -3.87 -12.00 -17.25
N GLU A 334 -2.91 -11.12 -17.55
CA GLU A 334 -1.51 -11.45 -17.25
C GLU A 334 -1.24 -11.52 -15.72
N LEU A 335 -2.02 -10.78 -14.95
CA LEU A 335 -1.80 -10.76 -13.51
C LEU A 335 -2.70 -11.74 -12.82
N ILE A 336 -3.93 -11.82 -13.28
CA ILE A 336 -4.92 -12.65 -12.59
C ILE A 336 -5.76 -13.45 -13.59
N ASP A 337 -5.79 -14.76 -13.43
CA ASP A 337 -6.51 -15.63 -14.34
C ASP A 337 -8.00 -15.29 -14.27
N ARG A 338 -8.64 -15.34 -15.43
CA ARG A 338 -10.08 -15.14 -15.53
C ARG A 338 -10.88 -16.02 -14.52
N LYS A 339 -10.48 -17.29 -14.39
CA LYS A 339 -11.14 -18.21 -13.46
C LYS A 339 -11.09 -17.74 -12.00
N SER A 340 -9.96 -17.15 -11.60
CA SER A 340 -9.83 -16.59 -10.25
C SER A 340 -10.79 -15.45 -9.97
N LYS A 341 -10.92 -14.52 -10.94
CA LYS A 341 -11.89 -13.45 -10.80
C LYS A 341 -13.31 -14.01 -10.79
N GLU A 342 -13.61 -14.97 -11.63
CA GLU A 342 -14.96 -15.58 -11.60
C GLU A 342 -15.23 -16.30 -10.25
N PHE A 343 -14.20 -16.93 -9.69
CA PHE A 343 -14.35 -17.57 -8.38
C PHE A 343 -14.67 -16.50 -7.28
N LEU A 344 -13.96 -15.37 -7.33
CA LEU A 344 -14.15 -14.33 -6.33
C LEU A 344 -15.54 -13.67 -6.44
N SER A 345 -15.97 -13.41 -7.69
CA SER A 345 -17.31 -12.86 -7.95
C SER A 345 -18.40 -13.72 -7.33
N LYS A 346 -18.32 -15.02 -7.58
CA LYS A 346 -19.23 -15.98 -6.96
C LYS A 346 -19.29 -15.89 -5.44
N LYS A 347 -18.13 -15.85 -4.79
CA LYS A 347 -18.10 -15.74 -3.32
C LYS A 347 -18.71 -14.41 -2.80
N ILE A 348 -18.35 -13.31 -3.45
CA ILE A 348 -18.84 -11.97 -3.05
C ILE A 348 -20.37 -11.89 -3.21
N GLU A 349 -20.87 -12.43 -4.32
CA GLU A 349 -22.31 -12.46 -4.58
C GLU A 349 -23.04 -13.30 -3.53
N TYR A 350 -22.51 -14.48 -3.25
CA TYR A 350 -23.12 -15.29 -2.20
C TYR A 350 -23.22 -14.54 -0.86
N GLU A 351 -22.12 -13.90 -0.44
CA GLU A 351 -22.11 -13.16 0.83
C GLU A 351 -23.15 -12.04 0.80
N ARG A 352 -23.17 -11.35 -0.32
CA ARG A 352 -24.01 -10.17 -0.53
C ARG A 352 -25.49 -10.53 -0.46
N ASN A 353 -25.82 -11.70 -1.00
CA ASN A 353 -27.19 -12.15 -1.15
C ASN A 353 -27.67 -12.91 0.06
N ASN A 354 -26.75 -13.15 0.99
CA ASN A 354 -27.09 -13.94 2.17
C ASN A 354 -26.82 -13.19 3.48
N GLY A 355 -26.70 -11.87 3.40
CA GLY A 355 -26.45 -11.05 4.58
C GLY A 355 -25.11 -11.29 5.25
N PHE A 356 -24.12 -11.68 4.46
CA PHE A 356 -22.73 -11.73 4.92
C PHE A 356 -22.46 -12.66 6.11
N PRO A 357 -22.84 -13.94 6.00
CA PRO A 357 -22.54 -14.87 7.10
C PRO A 357 -21.04 -14.88 7.43
N ILE A 358 -20.20 -14.57 6.44
CA ILE A 358 -18.77 -14.67 6.65
C ILE A 358 -18.25 -13.58 7.60
N PHE A 359 -19.02 -12.51 7.80
CA PHE A 359 -18.70 -11.50 8.82
C PHE A 359 -18.81 -12.03 10.27
N ASP A 360 -19.51 -13.15 10.46
CA ASP A 360 -19.66 -13.76 11.79
C ASP A 360 -18.57 -14.79 12.09
N LYS A 361 -17.62 -14.86 11.17
CA LYS A 361 -16.39 -15.67 11.25
C LYS A 361 -16.60 -17.07 10.70
ZN ZN D . -15.03 12.19 6.01
MG MG E . -0.17 -3.02 5.78
MG MG F . 2.71 -4.70 4.23
PG GTP G . -3.24 -3.89 4.99
O1G GTP G . -3.80 -4.84 4.15
O2G GTP G . -4.26 -3.47 5.87
O3G GTP G . -1.95 -3.99 5.47
O3B GTP G . -3.21 -2.65 3.99
PB GTP G . -2.18 -1.81 3.62
O1B GTP G . -2.64 -0.69 2.94
O2B GTP G . -1.30 -1.37 4.63
O3A GTP G . -1.43 -2.42 2.55
PA GTP G . -0.14 -3.20 2.36
O1A GTP G . 0.85 -2.40 1.71
O2A GTP G . 0.47 -3.67 3.51
O5' GTP G . -0.31 -4.44 1.53
C5' GTP G . -1.13 -4.47 0.40
C4' GTP G . -1.13 -5.77 -0.43
O4' GTP G . -1.33 -5.46 -1.69
C3' GTP G . 0.19 -6.49 -0.36
O3' GTP G . -0.08 -7.83 -0.49
C2' GTP G . 0.87 -5.97 -1.52
O2' GTP G . 1.76 -6.95 -1.97
C1' GTP G . -0.30 -5.81 -2.44
N9 GTP G . -0.08 -4.83 -3.48
C8 GTP G . -0.22 -4.99 -4.77
N7 GTP G . 0.09 -3.89 -5.38
C5 GTP G . 0.42 -3.03 -4.49
C6 GTP G . 0.82 -1.78 -4.56
O6 GTP G . 0.94 -1.20 -5.60
N1 GTP G . 1.11 -1.11 -3.48
C2 GTP G . 0.98 -1.71 -2.33
N2 GTP G . 1.25 -1.08 -1.24
N3 GTP G . 0.60 -2.94 -2.26
C4 GTP G . 0.32 -3.60 -3.32
P 5GP H . 3.11 -6.56 -2.64
O1P 5GP H . 2.89 -5.76 -3.82
O2P 5GP H . 3.74 -7.67 -3.24
O5' 5GP H . 3.99 -5.90 -1.79
C5' 5GP H . 4.67 -6.63 -0.88
C4' 5GP H . 5.10 -5.83 0.31
O4' 5GP H . 5.79 -4.67 0.07
C3' 5GP H . 3.95 -5.46 1.15
O3' 5GP H . 4.43 -5.35 2.41
C2' 5GP H . 3.81 -4.10 0.96
O2' 5GP H . 3.81 -3.72 2.20
C1' 5GP H . 5.08 -3.59 0.47
N9 5GP H . 4.89 -2.59 -0.64
C8 5GP H . 4.68 -2.84 -1.90
N7 5GP H . 4.54 -1.71 -2.53
C5 5GP H . 4.64 -0.76 -1.68
C6 5GP H . 4.56 0.56 -1.80
O6 5GP H . 4.35 1.11 -2.84
N1 5GP H . 4.69 1.32 -0.74
C2 5GP H . 4.86 0.78 0.46
N2 5GP H . 4.97 1.56 1.48
N3 5GP H . 4.94 -0.53 0.58
C4 5GP H . 4.84 -1.30 -0.49
#